data_7UMR
#
_entry.id   7UMR
#
_cell.length_a   89.511
_cell.length_b   89.511
_cell.length_c   131.519
_cell.angle_alpha   90.000
_cell.angle_beta   90.000
_cell.angle_gamma   90.000
#
_symmetry.space_group_name_H-M   'I 4 2 2'
#
loop_
_entity.id
_entity.type
_entity.pdbx_description
1 polymer 'Protein PA-X'
2 non-polymer 'MANGANESE (II) ION'
3 non-polymer 'Hexa Vinylpyrrolidone K15'
4 non-polymer (1P,18Z)-5-hydroxy-16,21-dioxa-3,8,28-triazatetracyclo[20.3.1.1~2,6~.1~11,15~]octacosa-1(26),2(28),5,11(27),12,14,18,22,24-nonaene-4,7-dione
5 non-polymer 'SULFATE ION'
6 water water
#
_entity_poly.entity_id   1
_entity_poly.type   'polypeptide(L)'
_entity_poly.pdbx_seq_one_letter_code
;MGSSHHHHHHSSGLVPRGSHMEDFVRQCFNPMIVELAEKAMKEYGEDPKIETNKFAAICTHLEVCFMYSDGGSKHRFEII
EGRDRIMAWTVVNSICNTTGVEKPKFLPDLYDYKENRFIEIGVTRREVHIYYLEKANKIKSEKTHIHIFSFTGEEMATKA
DYTLDEESRARIKTRLFTIRQEMASRSLWDSFRQSER
;
_entity_poly.pdbx_strand_id   A
#
loop_
_chem_comp.id
_chem_comp.type
_chem_comp.name
_chem_comp.formula
MN non-polymer 'MANGANESE (II) ION' 'Mn 2'
NVR non-polymer (1P,18Z)-5-hydroxy-16,21-dioxa-3,8,28-triazatetracyclo[20.3.1.1~2,6~.1~11,15~]octacosa-1(26),2(28),5,11(27),12,14,18,22,24-nonaene-4,7-dione 'C23 H21 N3 O5'
QQ4 non-polymer 'Hexa Vinylpyrrolidone K15' 'C36 H56 N6 O6'
SO4 non-polymer 'SULFATE ION' 'O4 S -2'
#
# COMPACT_ATOMS: atom_id res chain seq x y z
N SER A 19 -21.19 10.81 -4.95
CA SER A 19 -20.57 11.23 -3.70
C SER A 19 -19.32 12.06 -3.97
N HIS A 20 -19.18 12.52 -5.22
CA HIS A 20 -18.07 13.37 -5.65
C HIS A 20 -16.72 12.67 -5.51
N MET A 21 -16.40 12.19 -4.30
CA MET A 21 -15.17 11.44 -4.09
C MET A 21 -15.14 10.18 -4.93
N GLU A 22 -16.30 9.54 -5.14
CA GLU A 22 -16.36 8.34 -5.96
C GLU A 22 -15.99 8.65 -7.41
N ASP A 23 -16.59 9.69 -7.98
CA ASP A 23 -16.31 10.06 -9.36
C ASP A 23 -14.84 10.43 -9.54
N PHE A 24 -14.25 11.07 -8.53
CA PHE A 24 -12.84 11.43 -8.61
C PHE A 24 -11.95 10.19 -8.60
N VAL A 25 -12.31 9.18 -7.82
CA VAL A 25 -11.51 7.96 -7.74
C VAL A 25 -11.50 7.24 -9.09
N ARG A 26 -12.65 7.18 -9.76
CA ARG A 26 -12.73 6.47 -11.03
C ARG A 26 -11.94 7.18 -12.13
N GLN A 27 -11.83 8.50 -12.06
CA GLN A 27 -11.10 9.25 -13.07
C GLN A 27 -9.64 9.49 -12.72
N CYS A 28 -9.24 9.21 -11.48
CA CYS A 28 -7.86 9.41 -11.04
C CYS A 28 -7.03 8.13 -11.10
N PHE A 29 -7.63 6.99 -10.80
CA PHE A 29 -6.90 5.72 -10.74
C PHE A 29 -7.19 4.87 -11.97
N ASN A 30 -6.26 3.97 -12.25
CA ASN A 30 -6.43 3.04 -13.36
C ASN A 30 -7.64 2.16 -13.11
N PRO A 31 -8.46 1.89 -14.14
CA PRO A 31 -9.69 1.10 -13.93
C PRO A 31 -9.46 -0.24 -13.24
N MET A 32 -8.37 -0.93 -13.56
CA MET A 32 -8.08 -2.20 -12.90
C MET A 32 -7.81 -2.01 -11.41
N ILE A 33 -7.18 -0.90 -11.04
CA ILE A 33 -6.92 -0.63 -9.62
C ILE A 33 -8.23 -0.32 -8.90
N VAL A 34 -9.12 0.43 -9.54
CA VAL A 34 -10.41 0.75 -8.94
C VAL A 34 -11.24 -0.51 -8.72
N GLU A 35 -11.26 -1.40 -9.72
CA GLU A 35 -11.98 -2.66 -9.57
C GLU A 35 -11.36 -3.53 -8.48
N LEU A 36 -10.03 -3.48 -8.34
CA LEU A 36 -9.37 -4.26 -7.30
C LEU A 36 -9.75 -3.75 -5.91
N ALA A 37 -9.80 -2.44 -5.74
CA ALA A 37 -10.20 -1.87 -4.46
C ALA A 37 -11.67 -2.17 -4.18
N GLU A 38 -12.51 -2.16 -5.22
CA GLU A 38 -13.91 -2.54 -5.05
C GLU A 38 -14.03 -4.00 -4.64
N LYS A 39 -13.33 -4.89 -5.34
CA LYS A 39 -13.35 -6.31 -5.02
C LYS A 39 -12.79 -6.56 -3.63
N ALA A 40 -11.79 -5.79 -3.20
CA ALA A 40 -11.22 -5.98 -1.88
C ALA A 40 -12.16 -5.45 -0.78
N MET A 41 -12.84 -4.34 -1.05
CA MET A 41 -13.74 -3.77 -0.05
C MET A 41 -14.99 -4.64 0.12
N LYS A 42 -15.55 -5.13 -0.98
CA LYS A 42 -16.72 -6.00 -0.90
C LYS A 42 -16.39 -7.32 -0.21
N GLU A 43 -15.13 -7.75 -0.28
CA GLU A 43 -14.73 -8.96 0.43
C GLU A 43 -14.85 -8.79 1.94
N TYR A 44 -14.60 -7.59 2.44
CA TYR A 44 -14.67 -7.31 3.88
C TYR A 44 -15.94 -6.57 4.27
N GLY A 45 -16.99 -6.69 3.46
CA GLY A 45 -18.27 -6.11 3.82
C GLY A 45 -18.28 -4.59 3.89
N GLU A 46 -17.60 -3.93 2.97
CA GLU A 46 -17.57 -2.47 2.91
C GLU A 46 -17.95 -2.03 1.50
N ASP A 47 -18.87 -1.06 1.41
CA ASP A 47 -19.32 -0.56 0.13
C ASP A 47 -18.60 0.74 -0.20
N PRO A 48 -17.89 0.81 -1.33
CA PRO A 48 -17.16 2.04 -1.65
C PRO A 48 -18.05 3.22 -2.02
N LYS A 49 -19.36 3.03 -2.11
CA LYS A 49 -20.25 4.14 -2.44
C LYS A 49 -20.49 5.06 -1.25
N ILE A 50 -20.48 4.52 -0.04
CA ILE A 50 -20.58 5.33 1.19
C ILE A 50 -19.22 5.58 1.80
N GLU A 51 -18.41 4.53 1.97
CA GLU A 51 -17.05 4.66 2.50
C GLU A 51 -16.10 5.14 1.40
N THR A 52 -16.35 6.37 0.93
CA THR A 52 -15.59 6.90 -0.19
C THR A 52 -14.16 7.26 0.21
N ASN A 53 -13.96 7.72 1.45
CA ASN A 53 -12.60 8.01 1.90
C ASN A 53 -11.75 6.75 1.97
N LYS A 54 -12.33 5.66 2.48
CA LYS A 54 -11.62 4.37 2.45
C LYS A 54 -11.42 3.89 1.01
N PHE A 55 -12.36 4.21 0.12
CA PHE A 55 -12.21 3.84 -1.28
C PHE A 55 -10.98 4.49 -1.90
N ALA A 56 -10.75 5.77 -1.61
CA ALA A 56 -9.58 6.44 -2.14
C ALA A 56 -8.30 5.96 -1.49
N ALA A 57 -8.36 5.55 -0.22
CA ALA A 57 -7.16 5.09 0.47
C ALA A 57 -6.70 3.73 -0.06
N ILE A 58 -7.64 2.82 -0.29
CA ILE A 58 -7.28 1.50 -0.80
C ILE A 58 -6.75 1.61 -2.24
N CYS A 59 -7.37 2.47 -3.05
CA CYS A 59 -6.87 2.71 -4.40
C CYS A 59 -5.46 3.28 -4.36
N THR A 60 -5.20 4.22 -3.45
CA THR A 60 -3.87 4.78 -3.31
C THR A 60 -2.88 3.72 -2.83
N HIS A 61 -3.27 2.91 -1.84
CA HIS A 61 -2.39 1.86 -1.35
C HIS A 61 -2.14 0.81 -2.42
N LEU A 62 -3.16 0.50 -3.23
CA LEU A 62 -2.97 -0.47 -4.30
C LEU A 62 -2.03 0.08 -5.38
N GLU A 63 -2.15 1.36 -5.70
CA GLU A 63 -1.29 1.95 -6.73
C GLU A 63 0.16 2.02 -6.26
N VAL A 64 0.38 2.39 -5.00
CA VAL A 64 1.73 2.47 -4.47
C VAL A 64 2.39 1.09 -4.46
N CYS A 65 1.64 0.07 -4.05
CA CYS A 65 2.19 -1.29 -4.03
C CYS A 65 2.59 -1.75 -5.43
N PHE A 66 1.77 -1.41 -6.44
CA PHE A 66 2.09 -1.83 -7.81
C PHE A 66 3.28 -1.06 -8.35
N MET A 67 3.42 0.22 -7.99
CA MET A 67 4.61 0.98 -8.37
C MET A 67 5.85 0.45 -7.66
N TYR A 68 5.70 0.04 -6.38
CA TYR A 68 6.82 -0.47 -5.61
C TYR A 68 7.38 -1.74 -6.25
N SER A 69 6.52 -2.68 -6.62
CA SER A 69 6.98 -3.91 -7.25
C SER A 69 7.55 -3.64 -8.64
N ASP A 70 7.05 -2.59 -9.32
CA ASP A 70 7.58 -2.25 -10.64
C ASP A 70 8.97 -1.64 -10.56
N GLY A 71 9.34 -1.05 -9.42
CA GLY A 71 10.66 -0.47 -9.26
C GLY A 71 11.79 -1.48 -9.13
N GLY A 72 11.46 -2.77 -9.04
CA GLY A 72 12.47 -3.80 -8.92
C GLY A 72 13.09 -4.19 -10.24
N SER A 73 13.42 -5.47 -10.40
CA SER A 73 14.06 -5.98 -11.61
C SER A 73 13.30 -7.22 -12.08
N LYS A 74 12.61 -7.09 -13.22
CA LYS A 74 11.87 -8.19 -13.82
C LYS A 74 10.87 -8.81 -12.84
N HIS A 75 11.32 -9.78 -12.05
CA HIS A 75 10.48 -10.48 -11.09
C HIS A 75 11.16 -10.52 -9.72
N ARG A 76 11.57 -9.34 -9.24
CA ARG A 76 12.22 -9.28 -7.93
C ARG A 76 11.20 -9.48 -6.81
N PHE A 77 9.99 -8.98 -6.99
CA PHE A 77 8.98 -8.99 -5.94
C PHE A 77 7.84 -9.95 -6.28
N GLU A 78 7.22 -10.50 -5.23
CA GLU A 78 6.01 -11.30 -5.35
C GLU A 78 4.86 -10.48 -4.79
N ILE A 79 3.89 -10.15 -5.63
CA ILE A 79 2.80 -9.27 -5.26
C ILE A 79 1.78 -10.04 -4.44
N ILE A 80 1.62 -9.65 -3.18
CA ILE A 80 0.62 -10.24 -2.30
C ILE A 80 -0.65 -9.41 -2.24
N GLU A 81 -0.52 -8.10 -2.17
CA GLU A 81 -1.69 -7.22 -2.16
C GLU A 81 -2.37 -7.23 -3.53
N GLY A 82 -3.70 -7.25 -3.51
CA GLY A 82 -4.48 -7.33 -4.73
C GLY A 82 -5.02 -8.71 -5.02
N ARG A 83 -4.62 -9.72 -4.26
CA ARG A 83 -5.14 -11.07 -4.40
C ARG A 83 -6.26 -11.31 -3.40
N ASP A 84 -7.01 -12.39 -3.64
CA ASP A 84 -8.04 -12.79 -2.69
C ASP A 84 -7.41 -13.17 -1.35
N ARG A 85 -8.18 -12.98 -0.28
CA ARG A 85 -7.67 -13.27 1.05
C ARG A 85 -7.19 -14.72 1.17
N ILE A 86 -7.89 -15.65 0.53
CA ILE A 86 -7.47 -17.05 0.57
C ILE A 86 -6.27 -17.27 -0.33
N MET A 87 -6.27 -16.65 -1.52
CA MET A 87 -5.17 -16.85 -2.46
C MET A 87 -3.91 -16.12 -2.01
N ALA A 88 -4.06 -14.95 -1.40
CA ALA A 88 -2.89 -14.22 -0.91
C ALA A 88 -2.18 -15.00 0.18
N TRP A 89 -2.93 -15.60 1.10
CA TRP A 89 -2.33 -16.44 2.13
C TRP A 89 -1.76 -17.73 1.56
N THR A 90 -2.20 -18.15 0.38
CA THR A 90 -1.66 -19.35 -0.24
C THR A 90 -0.24 -19.11 -0.74
N VAL A 91 -0.02 -18.00 -1.44
CA VAL A 91 1.32 -17.67 -1.90
C VAL A 91 2.23 -17.36 -0.73
N VAL A 92 1.70 -16.77 0.35
CA VAL A 92 2.50 -16.51 1.54
C VAL A 92 2.99 -17.81 2.15
N ASN A 93 2.11 -18.80 2.25
CA ASN A 93 2.52 -20.11 2.75
C ASN A 93 3.55 -20.76 1.83
N SER A 94 3.41 -20.55 0.52
CA SER A 94 4.36 -21.12 -0.43
C SER A 94 5.75 -20.49 -0.26
N ILE A 95 5.80 -19.17 -0.03
CA ILE A 95 7.08 -18.51 0.18
C ILE A 95 7.72 -18.97 1.49
N CYS A 96 6.92 -19.09 2.55
CA CYS A 96 7.45 -19.51 3.84
C CYS A 96 7.92 -20.96 3.81
N ASN A 97 7.30 -21.80 2.99
CA ASN A 97 7.63 -23.22 2.93
C ASN A 97 8.72 -23.53 1.91
N THR A 98 9.14 -22.56 1.11
CA THR A 98 10.22 -22.76 0.14
C THR A 98 11.49 -22.02 0.51
N THR A 99 11.39 -20.80 1.03
CA THR A 99 12.55 -20.05 1.47
C THR A 99 12.89 -20.30 2.94
N GLY A 100 11.87 -20.46 3.78
CA GLY A 100 12.07 -20.73 5.19
C GLY A 100 11.84 -19.56 6.12
N VAL A 101 11.34 -18.43 5.62
CA VAL A 101 11.12 -17.28 6.47
C VAL A 101 9.93 -17.54 7.40
N GLU A 102 9.87 -16.77 8.49
CA GLU A 102 8.79 -16.92 9.45
C GLU A 102 7.49 -16.38 8.89
N LYS A 103 6.42 -17.11 9.11
CA LYS A 103 5.11 -16.69 8.63
C LYS A 103 4.66 -15.45 9.40
N PRO A 104 4.18 -14.40 8.72
CA PRO A 104 3.75 -13.19 9.43
C PRO A 104 2.33 -13.34 9.96
N LYS A 105 2.09 -12.69 11.10
CA LYS A 105 0.78 -12.76 11.73
C LYS A 105 -0.28 -12.06 10.89
N PHE A 106 0.12 -11.04 10.12
CA PHE A 106 -0.80 -10.30 9.26
C PHE A 106 -0.31 -10.37 7.82
N LEU A 107 -1.24 -10.20 6.90
CA LEU A 107 -0.94 -10.32 5.49
C LEU A 107 -0.05 -9.16 5.02
N PRO A 108 1.13 -9.44 4.49
CA PRO A 108 2.00 -8.36 3.98
C PRO A 108 1.56 -7.96 2.57
N ASP A 109 2.32 -7.02 1.99
CA ASP A 109 2.03 -6.50 0.66
C ASP A 109 2.88 -7.14 -0.43
N LEU A 110 4.17 -7.32 -0.19
CA LEU A 110 5.08 -7.91 -1.17
C LEU A 110 6.02 -8.87 -0.48
N TYR A 111 6.84 -9.56 -1.27
CA TYR A 111 7.95 -10.34 -0.75
C TYR A 111 9.17 -10.06 -1.62
N ASP A 112 10.26 -9.67 -0.98
CA ASP A 112 11.50 -9.35 -1.68
C ASP A 112 12.29 -10.63 -1.88
N TYR A 113 12.30 -11.15 -3.11
CA TYR A 113 13.10 -12.32 -3.41
C TYR A 113 14.60 -12.05 -3.34
N LYS A 114 15.00 -10.77 -3.44
CA LYS A 114 16.41 -10.43 -3.36
C LYS A 114 16.90 -10.39 -1.92
N GLU A 115 16.11 -9.76 -1.03
CA GLU A 115 16.50 -9.62 0.37
C GLU A 115 15.86 -10.68 1.27
N ASN A 116 14.97 -11.52 0.73
CA ASN A 116 14.34 -12.61 1.47
C ASN A 116 13.59 -12.09 2.70
N ARG A 117 12.56 -11.28 2.44
CA ARG A 117 11.76 -10.71 3.50
C ARG A 117 10.45 -10.19 2.91
N PHE A 118 9.39 -10.27 3.71
CA PHE A 118 8.11 -9.69 3.33
C PHE A 118 8.13 -8.18 3.56
N ILE A 119 7.45 -7.47 2.66
CA ILE A 119 7.41 -6.01 2.70
C ILE A 119 6.00 -5.58 3.07
N GLU A 120 5.90 -4.62 3.98
CA GLU A 120 4.62 -4.05 4.41
C GLU A 120 4.64 -2.56 4.06
N ILE A 121 3.77 -2.17 3.13
CA ILE A 121 3.75 -0.82 2.58
C ILE A 121 2.55 -0.08 3.14
N GLY A 122 2.78 1.13 3.62
CA GLY A 122 1.71 1.97 4.14
C GLY A 122 1.77 3.37 3.58
N VAL A 123 0.60 3.95 3.34
CA VAL A 123 0.46 5.31 2.84
C VAL A 123 -0.28 6.11 3.89
N THR A 124 0.36 7.17 4.40
CA THR A 124 -0.17 7.94 5.51
C THR A 124 -0.59 9.34 5.05
N ARG A 125 -1.59 9.88 5.74
CA ARG A 125 -1.98 11.28 5.60
C ARG A 125 -1.57 12.13 6.79
N ARG A 126 -1.43 11.52 7.97
CA ARG A 126 -0.91 12.21 9.14
C ARG A 126 0.62 12.21 9.10
N GLU A 127 1.25 12.14 10.27
CA GLU A 127 2.69 12.18 10.33
C GLU A 127 3.28 10.85 9.86
N VAL A 128 4.24 10.93 8.93
CA VAL A 128 4.90 9.74 8.43
C VAL A 128 5.61 9.01 9.56
N HIS A 129 6.16 9.76 10.52
CA HIS A 129 6.83 9.17 11.67
C HIS A 129 5.89 8.37 12.55
N ILE A 130 4.59 8.66 12.51
CA ILE A 130 3.64 7.98 13.39
C ILE A 130 3.26 6.62 12.83
N TYR A 131 2.93 6.56 11.53
CA TYR A 131 2.36 5.34 10.95
C TYR A 131 3.25 4.13 11.21
N TYR A 132 4.57 4.28 11.10
CA TYR A 132 5.48 3.18 11.41
C TYR A 132 5.23 2.66 12.82
N LEU A 133 5.09 3.57 13.79
CA LEU A 133 4.84 3.16 15.17
C LEU A 133 3.58 2.32 15.29
N GLU A 134 2.58 2.57 14.43
CA GLU A 134 1.38 1.75 14.44
C GLU A 134 1.64 0.38 13.85
N LYS A 135 2.31 0.33 12.70
CA LYS A 135 2.55 -0.95 12.04
C LYS A 135 3.64 -1.76 12.74
N ALA A 136 4.58 -1.11 13.40
CA ALA A 136 5.63 -1.83 14.11
C ALA A 136 5.07 -2.55 15.33
N ASN A 137 4.21 -1.88 16.09
CA ASN A 137 3.61 -2.48 17.29
C ASN A 137 2.49 -3.45 16.95
N LYS A 138 2.21 -3.69 15.68
CA LYS A 138 1.15 -4.61 15.26
C LYS A 138 1.71 -5.97 14.86
N ILE A 139 2.61 -5.99 13.87
CA ILE A 139 3.19 -7.24 13.38
C ILE A 139 4.31 -7.64 14.35
N LYS A 140 4.09 -8.71 15.10
CA LYS A 140 5.12 -9.19 16.02
C LYS A 140 6.31 -9.78 15.28
N SER A 141 6.07 -10.35 14.10
CA SER A 141 7.16 -10.91 13.29
C SER A 141 8.04 -9.78 12.74
N GLU A 142 9.09 -9.43 13.48
CA GLU A 142 9.98 -8.35 13.07
C GLU A 142 10.84 -8.69 11.86
N LYS A 143 10.75 -9.92 11.35
CA LYS A 143 11.55 -10.28 10.17
C LYS A 143 11.04 -9.59 8.92
N THR A 144 9.75 -9.31 8.84
CA THR A 144 9.18 -8.66 7.66
C THR A 144 9.50 -7.18 7.66
N HIS A 145 9.87 -6.66 6.49
CA HIS A 145 10.24 -5.26 6.37
C HIS A 145 8.99 -4.36 6.44
N ILE A 146 9.24 -3.07 6.61
CA ILE A 146 8.19 -2.07 6.75
C ILE A 146 8.63 -0.80 6.06
N HIS A 147 7.77 -0.25 5.20
CA HIS A 147 8.08 0.92 4.41
C HIS A 147 6.84 1.80 4.31
N ILE A 148 6.91 3.01 4.87
CA ILE A 148 5.79 3.94 4.90
C ILE A 148 6.07 5.09 3.93
N PHE A 149 5.07 5.44 3.13
CA PHE A 149 5.10 6.63 2.30
C PHE A 149 4.09 7.64 2.81
N SER A 150 4.39 8.92 2.58
CA SER A 150 3.53 10.01 3.03
C SER A 150 3.05 10.82 1.84
N PHE A 151 1.87 11.43 2.00
CA PHE A 151 1.33 12.29 0.96
C PHE A 151 2.10 13.60 0.84
N THR A 152 2.87 13.97 1.85
CA THR A 152 3.68 15.18 1.80
C THR A 152 5.02 14.97 1.10
N GLY A 153 5.36 13.75 0.75
CA GLY A 153 6.62 13.47 0.10
C GLY A 153 7.70 12.87 0.98
N GLU A 154 7.35 12.34 2.15
CA GLU A 154 8.30 11.72 3.05
C GLU A 154 8.17 10.20 3.00
N GLU A 155 9.21 9.52 3.47
CA GLU A 155 9.22 8.07 3.52
C GLU A 155 10.06 7.61 4.69
N MET A 156 9.74 6.40 5.18
CA MET A 156 10.37 5.85 6.37
C MET A 156 10.36 4.33 6.26
N ALA A 157 11.54 3.72 6.26
CA ALA A 157 11.67 2.28 6.09
C ALA A 157 12.42 1.68 7.27
N THR A 158 12.36 0.34 7.35
CA THR A 158 12.98 -0.38 8.45
C THR A 158 14.49 -0.39 8.30
N LYS A 159 15.19 -0.02 9.38
CA LYS A 159 16.66 -0.04 9.44
C LYS A 159 17.28 0.82 8.35
N ALA A 160 16.56 1.86 7.91
CA ALA A 160 16.96 2.75 6.83
C ALA A 160 17.16 2.02 5.51
N ASP A 161 16.70 0.78 5.40
CA ASP A 161 16.81 0.01 4.16
C ASP A 161 15.57 0.32 3.32
N TYR A 162 15.72 1.23 2.37
CA TYR A 162 14.61 1.68 1.54
C TYR A 162 14.37 0.78 0.33
N THR A 163 15.10 -0.34 0.23
CA THR A 163 14.83 -1.38 -0.77
C THR A 163 14.97 -0.88 -2.20
N LEU A 164 14.11 0.06 -2.60
CA LEU A 164 14.08 0.53 -3.98
C LEU A 164 15.16 1.59 -4.23
N ASP A 165 15.39 1.87 -5.50
CA ASP A 165 16.29 2.95 -5.88
C ASP A 165 15.67 4.30 -5.56
N GLU A 166 16.53 5.33 -5.55
CA GLU A 166 16.06 6.67 -5.25
C GLU A 166 15.05 7.15 -6.29
N GLU A 167 15.26 6.77 -7.56
CA GLU A 167 14.34 7.20 -8.60
C GLU A 167 12.98 6.53 -8.46
N SER A 168 12.96 5.25 -8.08
CA SER A 168 11.70 4.54 -7.96
C SER A 168 10.85 5.10 -6.81
N ARG A 169 11.48 5.42 -5.69
CA ARG A 169 10.72 5.99 -4.57
C ARG A 169 10.30 7.42 -4.85
N ALA A 170 11.09 8.18 -5.61
CA ALA A 170 10.75 9.56 -5.90
C ALA A 170 9.48 9.66 -6.74
N ARG A 171 9.24 8.70 -7.63
CA ARG A 171 8.01 8.71 -8.43
C ARG A 171 6.79 8.44 -7.55
N ILE A 172 6.93 7.55 -6.56
CA ILE A 172 5.81 7.27 -5.67
C ILE A 172 5.44 8.51 -4.87
N LYS A 173 6.45 9.23 -4.36
CA LYS A 173 6.18 10.47 -3.65
C LYS A 173 5.54 11.51 -4.57
N THR A 174 6.02 11.59 -5.82
CA THR A 174 5.46 12.55 -6.77
C THR A 174 4.00 12.23 -7.07
N ARG A 175 3.69 10.96 -7.33
CA ARG A 175 2.31 10.57 -7.58
C ARG A 175 1.44 10.79 -6.35
N LEU A 176 2.00 10.55 -5.16
CA LEU A 176 1.24 10.77 -3.94
C LEU A 176 0.86 12.24 -3.77
N PHE A 177 1.79 13.14 -4.10
CA PHE A 177 1.48 14.57 -4.00
C PHE A 177 0.53 15.03 -5.10
N THR A 178 0.57 14.36 -6.26
CA THR A 178 -0.36 14.70 -7.33
C THR A 178 -1.80 14.36 -6.94
N ILE A 179 -2.01 13.20 -6.31
CA ILE A 179 -3.33 12.83 -5.83
C ILE A 179 -3.79 13.79 -4.74
N ARG A 180 -2.86 14.29 -3.92
CA ARG A 180 -3.22 15.24 -2.87
C ARG A 180 -3.72 16.55 -3.46
N GLN A 181 -3.05 17.05 -4.50
CA GLN A 181 -3.47 18.30 -5.13
C GLN A 181 -4.84 18.15 -5.78
N GLU A 182 -5.10 16.98 -6.38
CA GLU A 182 -6.37 16.78 -7.07
C GLU A 182 -7.54 16.70 -6.09
N MET A 183 -7.31 16.12 -4.91
CA MET A 183 -8.36 16.09 -3.89
C MET A 183 -8.65 17.50 -3.37
N ALA A 184 -7.60 18.28 -3.12
CA ALA A 184 -7.79 19.65 -2.64
C ALA A 184 -8.38 20.54 -3.72
N SER A 185 -8.01 20.31 -4.99
CA SER A 185 -8.57 21.11 -6.07
C SER A 185 -10.09 20.96 -6.15
N ARG A 186 -10.59 19.77 -5.86
CA ARG A 186 -12.03 19.52 -5.79
C ARG A 186 -12.53 19.53 -4.35
N SER A 187 -11.71 19.98 -3.41
CA SER A 187 -12.12 20.22 -2.02
C SER A 187 -12.55 18.94 -1.31
N LEU A 188 -11.78 17.87 -1.47
CA LEU A 188 -11.98 16.66 -0.70
C LEU A 188 -10.75 16.22 0.07
N TRP A 189 -9.66 16.99 0.04
CA TRP A 189 -8.45 16.59 0.76
C TRP A 189 -8.64 16.71 2.26
N ASP A 190 -9.33 17.76 2.71
CA ASP A 190 -9.50 17.96 4.15
C ASP A 190 -10.37 16.87 4.77
N SER A 191 -11.42 16.45 4.07
CA SER A 191 -12.25 15.36 4.58
C SER A 191 -11.51 14.03 4.51
N PHE A 192 -10.57 13.90 3.56
CA PHE A 192 -9.79 12.67 3.37
C PHE A 192 -8.58 12.63 4.29
N ARG A 193 -7.94 13.77 4.52
CA ARG A 193 -6.81 13.81 5.46
C ARG A 193 -7.27 13.60 6.89
N GLN A 194 -8.29 14.34 7.32
CA GLN A 194 -8.85 14.18 8.65
C GLN A 194 -9.83 13.02 8.67
N SER A 195 -9.36 11.83 8.24
CA SER A 195 -10.20 10.64 8.20
C SER A 195 -9.53 9.39 8.75
N GLU A 196 -8.20 9.32 8.81
CA GLU A 196 -7.53 8.14 9.34
C GLU A 196 -6.96 8.42 10.73
MN MN B . 0.08 -2.14 3.54
MN MN C . -1.69 -5.25 2.28
C11 QQ4 D . 1.33 -3.58 -17.15
C10 QQ4 D . -0.92 -9.93 -13.16
C01 QQ4 D . 1.25 -2.81 -15.84
C02 QQ4 D . 0.07 -3.34 -15.02
C03 QQ4 D . 0.46 -3.51 -13.55
C04 QQ4 D . -0.69 -4.23 -12.82
C05 QQ4 D . -0.20 -5.44 -12.03
C06 QQ4 D . -1.43 -6.16 -11.44
C07 QQ4 D . -1.42 -7.68 -11.60
C08 QQ4 D . -2.55 -8.08 -12.56
C09 QQ4 D . -2.39 -9.50 -13.10
C22 QQ4 D . 2.05 -0.36 -15.82
C23 QQ4 D . -0.11 -0.76 -16.73
C24 QQ4 D . 0.16 0.74 -16.82
C25 QQ4 D . 1.66 0.84 -16.68
C26 QQ4 D . 1.95 -1.82 -12.33
C27 QQ4 D . 1.90 -0.29 -12.21
C28 QQ4 D . 0.42 0.04 -12.15
C29 QQ4 D . -0.25 -1.13 -12.86
C30 QQ4 D . 0.36 -6.82 -14.22
C31 QQ4 D . 1.55 -7.65 -14.66
C32 QQ4 D . 2.24 -8.01 -13.38
C33 QQ4 D . 1.98 -6.80 -12.47
C34 QQ4 D . -2.82 -8.13 -9.44
C35 QQ4 D . -2.39 -8.65 -8.06
C36 QQ4 D . -1.33 -9.66 -8.33
C37 QQ4 D . -0.72 -9.25 -9.65
C38 QQ4 D . -2.59 -11.57 -11.56
C39 QQ4 D . -4.60 -10.41 -12.08
C40 QQ4 D . -4.96 -11.57 -11.17
C41 QQ4 D . -3.77 -12.50 -11.28
N03 QQ4 D . 1.07 -1.39 -16.11
N04 QQ4 D . 0.70 -2.22 -12.94
N05 QQ4 D . 0.64 -6.31 -12.87
N06 QQ4 D . -1.64 -8.31 -10.31
N07 QQ4 D . -3.15 -10.44 -12.29
O02 QQ4 D . -1.09 -1.31 -17.09
O03 QQ4 D . -1.36 -1.13 -13.26
O04 QQ4 D . -0.62 -6.62 -14.86
O06 QQ4 D . 0.32 -9.61 -10.07
O07 QQ4 D . -5.35 -9.62 -12.53
N1 NVR E . -5.39 -5.20 2.98
C2 NVR E . -6.63 -4.45 2.80
C3 NVR E . -7.75 -5.32 2.16
C4 NVR E . -9.03 -4.82 2.87
C6 NVR E . -10.24 -4.55 4.95
C8 NVR E . -11.18 -3.74 2.87
C9 NVR E . -10.05 -4.18 2.19
C10 NVR E . -4.00 -3.11 3.98
C11 NVR E . -4.97 -0.89 4.43
C16 NVR E . -8.52 0.36 5.02
C17 NVR E . -9.78 -0.51 6.85
C19 NVR E . -8.91 -2.85 6.91
C20 NVR E . -9.11 -4.37 7.04
C21 NVR E . -7.40 -0.47 4.94
C22 NVR E . -2.72 -2.59 4.31
C1 NVR E . -4.15 -4.61 3.55
C12 NVR E . -6.19 0.04 4.50
C13 NVR E . -6.08 1.39 4.14
C14 NVR E . -7.21 2.22 4.22
C15 NVR E . -8.43 1.70 4.66
C18 NVR E . -9.97 -2.02 6.99
C23 NVR E . -2.56 -1.19 4.72
C5 NVR E . -9.10 -5.00 4.26
C7 NVR E . -11.26 -3.92 4.25
N2 NVR E . -5.10 -2.24 4.05
N3 NVR E . -3.66 -0.37 4.78
O1 NVR E . -3.21 -5.33 3.59
O2 NVR E . -9.75 -0.17 5.46
O3 NVR E . -10.31 -4.74 6.36
O4 NVR E . -1.58 -3.41 4.29
O5 NVR E . -1.30 -0.70 5.05
S SO4 F . 17.08 -3.98 -8.30
O1 SO4 F . 18.15 -4.79 -7.74
O2 SO4 F . 16.88 -2.79 -7.48
O3 SO4 F . 15.84 -4.77 -8.34
O4 SO4 F . 17.44 -3.59 -9.66
S SO4 G . -15.44 7.01 4.82
O1 SO4 G . -14.62 5.86 4.41
O2 SO4 G . -14.68 7.85 5.74
O3 SO4 G . -15.81 7.78 3.64
O4 SO4 G . -16.64 6.51 5.48
#